data_6WG8
#
_entry.id   6WG8
#
_cell.length_a   59.356
_cell.length_b   73.051
_cell.length_c   105.119
_cell.angle_alpha   90.000
_cell.angle_beta   90.000
_cell.angle_gamma   90.000
#
_symmetry.space_group_name_H-M   'P 21 21 21'
#
loop_
_entity.id
_entity.type
_entity.pdbx_description
1 polymer 'Dupilumab Fab heavy chain'
2 polymer 'Dupilumab Fab light chain'
3 non-polymer GLYCEROL
4 water water
#
loop_
_entity_poly.entity_id
_entity_poly.type
_entity_poly.pdbx_seq_one_letter_code
_entity_poly.pdbx_strand_id
1 'polypeptide(L)'
;EVQLVESGGGLEQPGGSLRLSCAGSGFTFRDYAMTWVRQAPGKGLEWVSSISGSGGNTYYADSVKGRFTISRDNSKNTLY
LQMNSLRAEDTAVYYCAKDRLSITIRPRYYGLDVWGQGTTVTVSSASTKGPSVFPLAPCSRSTSESTAALGCLVKDYFPE
PVTVSWNSGALTSGVHTFPAVLQSSGLYSLSSVVTVPSSSLGTKTYTCNVDHKPSNTKVDKRVESKYGHHHHHH
;
A
2 'polypeptide(L)'
;DIVMTQSPLSLPVTPGEPASISCRSSQSLLYSIGYNYLDWYLQKSGQSPQLLIYLGSNRASGVPDRFSGSGSGTDFTLKI
SRVEAEDVGFYYCMQALQTPYTFGQGTKLEIKRTVAAPSVFIFPPSDEQLKSGTASVVCLLNNFYPREAKVQWKVDNALQ
SGNSQESVTEQDSKDSTYSLSSTLTLSKADYEKHKVYACEVTQGTTSVTKSFNRGEC
;
B
#
loop_
_chem_comp.id
_chem_comp.type
_chem_comp.name
_chem_comp.formula
GOL non-polymer GLYCEROL 'C3 H8 O3'
#
# COMPACT_ATOMS: atom_id res chain seq x y z
N GLU A 1 -4.77 -13.16 20.42
CA GLU A 1 -3.76 -12.55 19.51
C GLU A 1 -3.45 -11.11 19.91
N VAL A 2 -2.16 -10.76 19.85
CA VAL A 2 -1.69 -9.41 20.13
C VAL A 2 -2.01 -8.52 18.92
N GLN A 3 -2.80 -7.47 19.15
CA GLN A 3 -3.33 -6.62 18.08
C GLN A 3 -3.33 -5.14 18.44
N LEU A 4 -3.10 -4.29 17.43
CA LEU A 4 -3.17 -2.84 17.56
C LEU A 4 -4.10 -2.27 16.49
N VAL A 5 -5.09 -1.49 16.91
CA VAL A 5 -6.09 -0.92 16.01
C VAL A 5 -6.05 0.60 16.07
N GLU A 6 -5.82 1.23 14.92
CA GLU A 6 -5.65 2.67 14.82
C GLU A 6 -6.88 3.39 14.31
N SER A 7 -6.98 4.67 14.69
CA SER A 7 -8.04 5.57 14.25
C SER A 7 -7.58 7.02 14.37
N GLY A 8 -8.36 7.94 13.80
CA GLY A 8 -8.17 9.37 14.00
C GLY A 8 -7.60 10.16 12.83
N GLY A 9 -7.15 9.45 11.79
CA GLY A 9 -6.60 10.11 10.59
C GLY A 9 -7.62 10.88 9.78
N GLY A 10 -7.13 11.78 8.94
CA GLY A 10 -7.99 12.59 8.07
C GLY A 10 -7.26 13.72 7.37
N LEU A 11 -8.05 14.58 6.71
CA LEU A 11 -7.53 15.75 6.01
C LEU A 11 -7.65 16.99 6.89
N GLU A 12 -6.53 17.69 7.06
CA GLU A 12 -6.50 18.94 7.84
C GLU A 12 -5.76 20.02 7.07
N GLN A 13 -6.07 21.28 7.38
CA GLN A 13 -5.36 22.43 6.83
C GLN A 13 -3.99 22.60 7.51
N PRO A 14 -3.01 23.22 6.80
CA PRO A 14 -1.77 23.63 7.48
C PRO A 14 -2.05 24.51 8.70
N GLY A 15 -1.38 24.21 9.81
CA GLY A 15 -1.63 24.89 11.08
C GLY A 15 -2.73 24.25 11.92
N GLY A 16 -3.43 23.28 11.34
CA GLY A 16 -4.51 22.56 12.01
C GLY A 16 -4.02 21.50 13.00
N SER A 17 -4.98 20.81 13.60
CA SER A 17 -4.69 19.79 14.62
C SER A 17 -5.48 18.50 14.40
N LEU A 18 -4.90 17.40 14.85
CA LEU A 18 -5.50 16.06 14.76
C LEU A 18 -4.93 15.16 15.85
N ARG A 19 -5.77 14.29 16.40
CA ARG A 19 -5.32 13.31 17.39
C ARG A 19 -5.50 11.89 16.86
N LEU A 20 -4.42 11.12 16.88
CA LEU A 20 -4.45 9.71 16.49
C LEU A 20 -4.54 8.83 17.71
N SER A 21 -5.26 7.72 17.56
CA SER A 21 -5.40 6.71 18.60
C SER A 21 -4.89 5.35 18.13
N CYS A 22 -4.36 4.58 19.07
CA CYS A 22 -3.88 3.22 18.82
C CYS A 22 -4.27 2.37 20.01
N ALA A 23 -5.29 1.52 19.81
CA ALA A 23 -5.84 0.68 20.87
C ALA A 23 -5.27 -0.73 20.81
N GLY A 24 -4.74 -1.20 21.95
CA GLY A 24 -4.17 -2.53 22.06
C GLY A 24 -5.12 -3.54 22.66
N SER A 25 -5.01 -4.79 22.18
CA SER A 25 -5.75 -5.92 22.73
C SER A 25 -4.92 -7.21 22.67
N GLY A 26 -5.23 -8.14 23.56
CA GLY A 26 -4.54 -9.43 23.63
C GLY A 26 -3.19 -9.40 24.32
N PHE A 27 -2.92 -8.30 25.03
CA PHE A 27 -1.70 -8.11 25.83
C PHE A 27 -1.89 -7.04 26.90
N THR A 28 -1.02 -7.04 27.90
CA THR A 28 -1.04 -6.03 28.96
C THR A 28 -0.35 -4.77 28.46
N PHE A 29 -1.16 -3.76 28.10
CA PHE A 29 -0.70 -2.54 27.44
C PHE A 29 0.42 -1.80 28.19
N ARG A 30 0.25 -1.62 29.50
CA ARG A 30 1.19 -0.89 30.35
C ARG A 30 2.59 -1.51 30.47
N ASP A 31 2.71 -2.78 30.10
CA ASP A 31 3.97 -3.51 30.18
C ASP A 31 4.95 -3.21 29.05
N TYR A 32 4.51 -2.41 28.08
CA TYR A 32 5.30 -2.18 26.87
C TYR A 32 5.44 -0.70 26.53
N ALA A 33 6.66 -0.32 26.19
CA ALA A 33 6.91 0.94 25.49
C ALA A 33 6.16 0.89 24.15
N MET A 34 5.78 2.06 23.64
CA MET A 34 5.02 2.15 22.39
C MET A 34 5.65 3.20 21.47
N THR A 35 5.51 2.98 20.17
CA THR A 35 6.21 3.78 19.15
C THR A 35 5.31 4.14 17.96
N TRP A 36 5.46 5.38 17.47
CA TRP A 36 4.85 5.84 16.23
C TRP A 36 5.89 5.93 15.12
N VAL A 37 5.56 5.34 13.98
CA VAL A 37 6.37 5.37 12.75
C VAL A 37 5.46 5.88 11.63
N ARG A 38 5.99 6.71 10.73
CA ARG A 38 5.22 7.19 9.59
C ARG A 38 5.86 6.90 8.24
N GLN A 39 5.02 6.95 7.20
CA GLN A 39 5.45 6.67 5.84
C GLN A 39 4.77 7.65 4.90
N ALA A 40 5.55 8.60 4.39
CA ALA A 40 5.08 9.58 3.41
C ALA A 40 4.77 8.86 2.08
N PRO A 41 3.82 9.40 1.27
CA PRO A 41 3.45 8.73 0.00
C PRO A 41 4.64 8.41 -0.90
N GLY A 42 4.77 7.12 -1.24
CA GLY A 42 5.85 6.62 -2.09
C GLY A 42 7.25 6.62 -1.46
N LYS A 43 7.31 6.78 -0.15
CA LYS A 43 8.58 6.89 0.57
C LYS A 43 8.78 5.75 1.58
N GLY A 44 9.93 5.76 2.25
CA GLY A 44 10.26 4.75 3.26
C GLY A 44 9.64 5.03 4.62
N LEU A 45 10.19 4.39 5.64
CA LEU A 45 9.69 4.51 7.01
C LEU A 45 10.50 5.53 7.80
N GLU A 46 9.81 6.31 8.62
CA GLU A 46 10.44 7.32 9.48
C GLU A 46 9.86 7.24 10.89
N TRP A 47 10.75 7.17 11.89
CA TRP A 47 10.35 7.19 13.29
C TRP A 47 9.83 8.58 13.69
N VAL A 48 8.74 8.59 14.45
CA VAL A 48 8.11 9.84 14.87
C VAL A 48 8.33 10.08 16.36
N SER A 49 7.96 9.08 17.17
CA SER A 49 7.91 9.24 18.62
C SER A 49 7.85 7.90 19.34
N SER A 50 8.37 7.88 20.57
CA SER A 50 8.29 6.72 21.46
C SER A 50 7.91 7.17 22.87
N ILE A 51 7.25 6.27 23.60
CA ILE A 51 6.83 6.51 24.97
C ILE A 51 7.10 5.25 25.81
N SER A 52 7.58 5.46 27.04
CA SER A 52 7.78 4.35 27.99
C SER A 52 6.46 3.73 28.42
N GLY A 53 6.53 2.52 28.98
CA GLY A 53 5.35 1.78 29.47
C GLY A 53 4.44 2.59 30.37
N SER A 54 5.04 3.27 31.35
CA SER A 54 4.31 4.11 32.31
C SER A 54 3.86 5.45 31.72
N GLY A 55 4.61 5.94 30.74
CA GLY A 55 4.40 7.28 30.18
C GLY A 55 5.36 8.33 30.73
N GLY A 56 6.23 7.91 31.64
CA GLY A 56 7.18 8.80 32.32
C GLY A 56 8.28 9.38 31.44
N ASN A 57 8.60 8.70 30.34
CA ASN A 57 9.60 9.16 29.39
C ASN A 57 9.05 9.20 27.97
N THR A 58 9.29 10.32 27.29
CA THR A 58 8.84 10.53 25.91
C THR A 58 10.01 10.95 25.01
N TYR A 59 9.94 10.56 23.74
CA TYR A 59 11.02 10.79 22.77
C TYR A 59 10.41 11.23 21.46
N TYR A 60 11.03 12.22 20.81
CA TYR A 60 10.47 12.84 19.61
C TYR A 60 11.51 13.06 18.52
N ALA A 61 11.08 12.89 17.27
CA ALA A 61 11.86 13.31 16.11
C ALA A 61 11.99 14.83 16.13
N ASP A 62 13.16 15.33 15.74
CA ASP A 62 13.44 16.78 15.76
C ASP A 62 12.41 17.62 15.01
N SER A 63 11.93 17.10 13.89
CA SER A 63 10.97 17.80 13.03
C SER A 63 9.55 17.92 13.61
N VAL A 64 9.26 17.16 14.67
CA VAL A 64 7.92 17.19 15.30
C VAL A 64 7.92 17.79 16.72
N LYS A 65 9.12 18.11 17.22
CA LYS A 65 9.28 18.72 18.56
C LYS A 65 8.55 20.06 18.64
N GLY A 66 7.81 20.24 19.74
CA GLY A 66 6.99 21.44 19.96
C GLY A 66 5.68 21.45 19.19
N ARG A 67 5.41 20.38 18.43
CA ARG A 67 4.20 20.26 17.61
C ARG A 67 3.41 19.01 17.97
N PHE A 68 4.10 17.89 18.13
CA PHE A 68 3.48 16.60 18.43
C PHE A 68 3.65 16.25 19.90
N THR A 69 2.64 15.60 20.47
CA THR A 69 2.73 15.07 21.83
C THR A 69 2.27 13.61 21.84
N ILE A 70 3.16 12.74 22.31
CA ILE A 70 2.83 11.33 22.54
C ILE A 70 2.33 11.17 23.98
N SER A 71 1.25 10.41 24.14
CA SER A 71 0.70 10.08 25.46
C SER A 71 0.03 8.72 25.41
N ARG A 72 -0.36 8.22 26.58
CA ARG A 72 -1.08 6.95 26.69
C ARG A 72 -2.05 6.94 27.87
N ASP A 73 -3.14 6.20 27.69
CA ASP A 73 -4.07 5.89 28.75
C ASP A 73 -4.09 4.38 28.93
N ASN A 74 -3.29 3.90 29.88
CA ASN A 74 -3.10 2.47 30.14
C ASN A 74 -4.35 1.74 30.66
N SER A 75 -5.24 2.48 31.32
CA SER A 75 -6.54 1.93 31.74
C SER A 75 -7.48 1.70 30.55
N LYS A 76 -7.28 2.48 29.49
CA LYS A 76 -8.05 2.36 28.25
C LYS A 76 -7.31 1.58 27.15
N ASN A 77 -6.11 1.10 27.47
CA ASN A 77 -5.20 0.39 26.54
C ASN A 77 -4.94 1.13 25.22
N THR A 78 -4.83 2.45 25.32
CA THR A 78 -4.75 3.32 24.15
C THR A 78 -3.53 4.23 24.17
N LEU A 79 -2.84 4.24 23.03
CA LEU A 79 -1.74 5.16 22.73
C LEU A 79 -2.28 6.31 21.89
N TYR A 80 -1.80 7.53 22.18
CA TYR A 80 -2.21 8.72 21.45
C TYR A 80 -1.02 9.44 20.79
N LEU A 81 -1.32 10.12 19.68
CA LEU A 81 -0.42 11.12 19.12
C LEU A 81 -1.23 12.37 18.81
N GLN A 82 -1.03 13.40 19.64
CA GLN A 82 -1.61 14.71 19.41
C GLN A 82 -0.72 15.45 18.41
N MET A 83 -1.30 15.81 17.28
CA MET A 83 -0.56 16.46 16.20
C MET A 83 -1.07 17.89 16.02
N ASN A 84 -0.34 18.85 16.59
CA ASN A 84 -0.66 20.27 16.43
C ASN A 84 0.26 20.94 15.41
N SER A 85 -0.12 22.14 14.97
CA SER A 85 0.65 22.94 14.00
C SER A 85 1.06 22.10 12.78
N LEU A 86 0.07 21.44 12.18
CA LEU A 86 0.30 20.50 11.09
C LEU A 86 0.94 21.15 9.87
N ARG A 87 1.89 20.43 9.29
CA ARG A 87 2.63 20.89 8.11
C ARG A 87 2.38 19.91 6.97
N ALA A 88 2.52 20.40 5.73
CA ALA A 88 2.41 19.55 4.53
C ALA A 88 3.33 18.33 4.58
N GLU A 89 4.50 18.49 5.20
CA GLU A 89 5.48 17.41 5.39
C GLU A 89 4.99 16.28 6.33
N ASP A 90 3.95 16.54 7.09
CA ASP A 90 3.35 15.53 7.99
C ASP A 90 2.41 14.54 7.28
N THR A 91 2.13 14.79 6.00
CA THR A 91 1.30 13.89 5.20
C THR A 91 1.93 12.51 5.10
N ALA A 92 1.24 11.51 5.64
CA ALA A 92 1.78 10.15 5.77
C ALA A 92 0.73 9.19 6.30
N VAL A 93 0.98 7.90 6.09
CA VAL A 93 0.34 6.84 6.87
C VAL A 93 1.13 6.73 8.18
N TYR A 94 0.41 6.75 9.29
CA TYR A 94 1.01 6.65 10.62
C TYR A 94 0.72 5.27 11.20
N TYR A 95 1.79 4.59 11.61
CA TYR A 95 1.69 3.28 12.25
C TYR A 95 2.09 3.37 13.70
N CYS A 96 1.34 2.69 14.56
CA CYS A 96 1.82 2.44 15.91
C CYS A 96 2.44 1.05 15.98
N ALA A 97 3.40 0.89 16.87
CA ALA A 97 4.14 -0.35 17.02
C ALA A 97 4.46 -0.63 18.47
N LYS A 98 4.32 -1.89 18.84
CA LYS A 98 4.65 -2.41 20.18
C LYS A 98 6.18 -2.48 20.32
N ASP A 99 6.69 -1.84 21.37
CA ASP A 99 8.13 -1.69 21.61
C ASP A 99 8.51 -2.47 22.89
N ARG A 100 9.63 -2.12 23.50
CA ARG A 100 10.30 -2.93 24.53
C ARG A 100 9.47 -3.24 25.76
N LEU A 101 9.59 -4.49 26.21
CA LEU A 101 8.98 -4.98 27.45
C LEU A 101 9.60 -4.27 28.64
N SER A 102 8.75 -3.66 29.46
CA SER A 102 9.18 -2.71 30.48
C SER A 102 8.60 -3.03 31.85
N ILE A 103 8.91 -4.22 32.35
CA ILE A 103 8.51 -4.63 33.71
C ILE A 103 9.73 -4.93 34.61
N THR A 104 10.92 -4.74 34.04
CA THR A 104 12.18 -4.77 34.77
C THR A 104 12.79 -3.37 34.72
N ILE A 105 13.74 -3.09 35.62
CA ILE A 105 14.41 -1.78 35.72
C ILE A 105 14.98 -1.30 34.38
N ARG A 106 15.69 -2.19 33.69
CA ARG A 106 16.13 -1.97 32.32
C ARG A 106 15.18 -2.72 31.38
N PRO A 107 14.55 -2.00 30.42
CA PRO A 107 13.63 -2.66 29.48
C PRO A 107 14.32 -3.65 28.55
N ARG A 108 13.56 -4.63 28.07
CA ARG A 108 14.07 -5.67 27.19
C ARG A 108 13.40 -5.56 25.82
N TYR A 109 14.24 -5.42 24.79
CA TYR A 109 13.79 -5.17 23.43
C TYR A 109 13.66 -6.46 22.62
N TYR A 110 12.54 -6.59 21.93
CA TYR A 110 12.27 -7.76 21.09
C TYR A 110 11.85 -7.36 19.69
N GLY A 111 12.32 -6.19 19.24
CA GLY A 111 11.92 -5.61 17.96
C GLY A 111 10.58 -4.90 18.07
N LEU A 112 10.17 -4.23 16.99
CA LEU A 112 8.80 -3.72 16.90
C LEU A 112 7.94 -4.87 16.39
N ASP A 113 7.44 -5.66 17.34
CA ASP A 113 6.89 -6.99 17.05
C ASP A 113 5.48 -7.01 16.50
N VAL A 114 4.67 -6.03 16.87
CA VAL A 114 3.29 -5.92 16.40
C VAL A 114 3.05 -4.48 15.94
N TRP A 115 2.44 -4.35 14.77
CA TRP A 115 2.15 -3.05 14.15
C TRP A 115 0.65 -2.89 13.95
N GLY A 116 0.17 -1.66 14.10
CA GLY A 116 -1.21 -1.32 13.74
C GLY A 116 -1.42 -1.33 12.23
N GLN A 117 -2.68 -1.19 11.81
CA GLN A 117 -3.04 -1.25 10.39
C GLN A 117 -2.74 0.06 9.63
N GLY A 118 -2.42 1.11 10.38
CA GLY A 118 -2.16 2.42 9.80
C GLY A 118 -3.39 3.32 9.77
N THR A 119 -3.14 4.61 9.89
CA THR A 119 -4.15 5.65 9.69
C THR A 119 -3.49 6.81 8.94
N THR A 120 -4.22 7.39 7.99
CA THR A 120 -3.64 8.37 7.07
C THR A 120 -3.96 9.80 7.48
N VAL A 121 -2.92 10.64 7.52
CA VAL A 121 -3.05 12.07 7.73
C VAL A 121 -2.63 12.76 6.44
N THR A 122 -3.49 13.64 5.94
CA THR A 122 -3.16 14.49 4.80
C THR A 122 -3.29 15.94 5.23
N VAL A 123 -2.24 16.72 4.95
CA VAL A 123 -2.22 18.15 5.27
C VAL A 123 -2.19 18.94 3.96
N SER A 124 -3.29 19.63 3.70
CA SER A 124 -3.52 20.37 2.46
C SER A 124 -4.55 21.47 2.68
N SER A 125 -4.49 22.50 1.85
CA SER A 125 -5.50 23.58 1.85
C SER A 125 -6.74 23.22 1.01
N ALA A 126 -6.62 22.16 0.21
CA ALA A 126 -7.71 21.71 -0.67
C ALA A 126 -8.85 21.07 0.12
N SER A 127 -10.07 21.26 -0.36
CA SER A 127 -11.26 20.67 0.24
C SER A 127 -11.32 19.17 -0.01
N THR A 128 -12.02 18.46 0.87
CA THR A 128 -12.32 17.04 0.69
CA THR A 128 -12.30 17.04 0.65
C THR A 128 -13.34 16.89 -0.45
N LYS A 129 -13.25 15.80 -1.20
CA LYS A 129 -14.25 15.48 -2.21
C LYS A 129 -14.51 13.98 -2.17
N GLY A 130 -15.76 13.62 -1.91
CA GLY A 130 -16.20 12.23 -1.89
C GLY A 130 -16.19 11.63 -3.30
N PRO A 131 -16.03 10.29 -3.39
CA PRO A 131 -15.93 9.65 -4.71
C PRO A 131 -17.26 9.44 -5.41
N SER A 132 -17.22 9.44 -6.74
CA SER A 132 -18.32 9.00 -7.59
C SER A 132 -17.98 7.60 -8.08
N VAL A 133 -18.81 6.63 -7.70
CA VAL A 133 -18.56 5.21 -7.98
C VAL A 133 -19.44 4.74 -9.13
N PHE A 134 -18.77 4.29 -10.20
CA PHE A 134 -19.46 3.83 -11.41
C PHE A 134 -19.16 2.36 -11.69
N PRO A 135 -20.12 1.62 -12.26
CA PRO A 135 -19.87 0.21 -12.57
C PRO A 135 -18.95 0.01 -13.78
N LEU A 136 -18.13 -1.04 -13.71
CA LEU A 136 -17.38 -1.54 -14.86
C LEU A 136 -17.98 -2.89 -15.23
N ALA A 137 -18.64 -2.91 -16.39
CA ALA A 137 -19.29 -4.11 -16.90
C ALA A 137 -19.08 -4.20 -18.41
N PRO A 138 -18.99 -5.43 -18.97
CA PRO A 138 -18.76 -5.55 -20.42
C PRO A 138 -19.93 -5.04 -21.28
N CYS A 139 -19.61 -4.64 -22.51
CA CYS A 139 -20.60 -4.13 -23.46
C CYS A 139 -21.41 -5.27 -24.08
N GLU A 145 -17.41 -14.52 -22.76
CA GLU A 145 -16.54 -15.67 -22.50
C GLU A 145 -16.87 -16.29 -21.14
N SER A 146 -16.32 -17.48 -20.87
CA SER A 146 -16.61 -18.23 -19.64
C SER A 146 -16.23 -17.49 -18.35
N THR A 147 -15.15 -16.71 -18.41
CA THR A 147 -14.75 -15.82 -17.32
C THR A 147 -15.03 -14.37 -17.74
N ALA A 148 -15.78 -13.66 -16.89
CA ALA A 148 -16.07 -12.24 -17.11
C ALA A 148 -15.39 -11.38 -16.05
N ALA A 149 -14.96 -10.18 -16.44
CA ALA A 149 -14.46 -9.20 -15.49
C ALA A 149 -15.53 -8.18 -15.16
N LEU A 150 -15.62 -7.84 -13.88
CA LEU A 150 -16.49 -6.77 -13.41
C LEU A 150 -15.65 -5.87 -12.53
N GLY A 151 -16.13 -4.66 -12.30
CA GLY A 151 -15.42 -3.76 -11.43
C GLY A 151 -16.17 -2.51 -11.07
N CYS A 152 -15.50 -1.64 -10.32
CA CYS A 152 -15.97 -0.29 -10.01
CA CYS A 152 -15.99 -0.29 -10.15
C CYS A 152 -14.90 0.75 -10.27
N LEU A 153 -15.29 1.86 -10.88
CA LEU A 153 -14.43 3.00 -11.09
C LEU A 153 -14.79 4.02 -10.03
N VAL A 154 -13.79 4.35 -9.22
CA VAL A 154 -13.93 5.25 -8.08
C VAL A 154 -13.30 6.58 -8.51
N LYS A 155 -14.15 7.50 -8.99
CA LYS A 155 -13.68 8.69 -9.69
C LYS A 155 -13.83 9.99 -8.91
N ASP A 156 -12.84 10.87 -9.08
CA ASP A 156 -12.90 12.28 -8.66
C ASP A 156 -13.03 12.47 -7.15
N TYR A 157 -12.06 11.94 -6.42
CA TYR A 157 -12.01 12.11 -4.97
C TYR A 157 -10.72 12.77 -4.50
N PHE A 158 -10.78 13.34 -3.30
CA PHE A 158 -9.62 13.89 -2.61
C PHE A 158 -9.90 13.89 -1.11
N PRO A 159 -8.93 13.51 -0.27
CA PRO A 159 -7.62 12.98 -0.65
C PRO A 159 -7.63 11.46 -0.69
N GLU A 160 -6.46 10.87 -0.95
CA GLU A 160 -6.21 9.46 -0.63
C GLU A 160 -6.35 9.24 0.89
N PRO A 161 -6.77 8.05 1.35
CA PRO A 161 -7.00 6.86 0.53
C PRO A 161 -8.47 6.49 0.39
N VAL A 162 -8.72 5.57 -0.54
CA VAL A 162 -9.98 4.85 -0.66
C VAL A 162 -9.66 3.37 -0.46
N THR A 163 -10.49 2.68 0.33
CA THR A 163 -10.42 1.22 0.40
C THR A 163 -11.60 0.62 -0.33
N VAL A 164 -11.36 -0.50 -1.03
CA VAL A 164 -12.41 -1.22 -1.75
C VAL A 164 -12.43 -2.67 -1.29
N SER A 165 -13.62 -3.15 -0.95
CA SER A 165 -13.86 -4.57 -0.78
C SER A 165 -14.97 -5.02 -1.73
N TRP A 166 -15.13 -6.34 -1.85
CA TRP A 166 -16.18 -6.92 -2.68
C TRP A 166 -17.04 -7.86 -1.86
N ASN A 167 -18.36 -7.71 -2.01
CA ASN A 167 -19.38 -8.46 -1.26
C ASN A 167 -19.13 -8.48 0.24
N SER A 168 -18.85 -7.29 0.78
CA SER A 168 -18.53 -7.05 2.20
C SER A 168 -17.34 -7.88 2.73
N GLY A 169 -16.39 -8.16 1.84
CA GLY A 169 -15.18 -8.91 2.18
C GLY A 169 -15.24 -10.41 1.90
N ALA A 170 -16.41 -10.89 1.46
CA ALA A 170 -16.62 -12.31 1.14
C ALA A 170 -15.93 -12.74 -0.16
N LEU A 171 -15.74 -11.79 -1.07
CA LEU A 171 -15.05 -12.06 -2.33
C LEU A 171 -13.67 -11.38 -2.34
N THR A 172 -12.62 -12.21 -2.30
CA THR A 172 -11.24 -11.72 -2.24
C THR A 172 -10.34 -12.26 -3.36
N SER A 173 -10.57 -13.51 -3.78
CA SER A 173 -9.77 -14.13 -4.83
C SER A 173 -10.01 -13.47 -6.19
N GLY A 174 -8.90 -13.09 -6.84
CA GLY A 174 -8.95 -12.44 -8.15
C GLY A 174 -9.28 -10.95 -8.12
N VAL A 175 -9.42 -10.38 -6.93
CA VAL A 175 -9.63 -8.94 -6.77
C VAL A 175 -8.32 -8.21 -7.05
N HIS A 176 -8.39 -7.22 -7.93
CA HIS A 176 -7.28 -6.27 -8.11
C HIS A 176 -7.79 -4.86 -7.91
N THR A 177 -7.29 -4.22 -6.86
CA THR A 177 -7.55 -2.81 -6.59
C THR A 177 -6.26 -2.06 -6.90
N PHE A 178 -6.36 -1.16 -7.89
CA PHE A 178 -5.20 -0.52 -8.49
C PHE A 178 -4.78 0.75 -7.75
N PRO A 179 -3.49 1.15 -7.87
CA PRO A 179 -3.14 2.46 -7.35
C PRO A 179 -3.95 3.55 -8.04
N ALA A 180 -4.32 4.57 -7.28
CA ALA A 180 -5.02 5.71 -7.85
C ALA A 180 -4.10 6.49 -8.79
N VAL A 181 -4.70 7.10 -9.80
CA VAL A 181 -4.00 8.09 -10.62
C VAL A 181 -4.45 9.49 -10.19
N LEU A 182 -3.51 10.44 -10.23
CA LEU A 182 -3.83 11.84 -10.01
C LEU A 182 -4.11 12.50 -11.33
N GLN A 183 -5.37 12.88 -11.53
CA GLN A 183 -5.82 13.52 -12.76
C GLN A 183 -5.36 14.98 -12.79
N SER A 184 -5.38 15.59 -13.97
CA SER A 184 -4.97 17.00 -14.15
C SER A 184 -5.81 17.98 -13.33
N SER A 185 -7.01 17.55 -12.93
CA SER A 185 -7.92 18.30 -12.06
C SER A 185 -7.45 18.38 -10.61
N GLY A 186 -6.46 17.56 -10.24
CA GLY A 186 -6.01 17.45 -8.86
C GLY A 186 -6.83 16.47 -8.04
N LEU A 187 -7.73 15.76 -8.70
CA LEU A 187 -8.55 14.71 -8.06
C LEU A 187 -8.06 13.33 -8.47
N TYR A 188 -8.22 12.38 -7.56
CA TYR A 188 -7.81 11.00 -7.78
C TYR A 188 -8.90 10.18 -8.45
N SER A 189 -8.48 9.14 -9.16
CA SER A 189 -9.37 8.14 -9.71
C SER A 189 -8.73 6.76 -9.57
N LEU A 190 -9.54 5.79 -9.12
CA LEU A 190 -9.07 4.44 -8.84
C LEU A 190 -10.05 3.42 -9.43
N SER A 191 -9.52 2.27 -9.86
CA SER A 191 -10.37 1.16 -10.26
C SER A 191 -10.11 -0.07 -9.40
N SER A 192 -11.16 -0.86 -9.22
CA SER A 192 -11.08 -2.16 -8.58
C SER A 192 -11.84 -3.15 -9.44
N VAL A 193 -11.22 -4.30 -9.71
CA VAL A 193 -11.80 -5.32 -10.60
C VAL A 193 -11.81 -6.70 -9.94
N VAL A 194 -12.68 -7.56 -10.46
CA VAL A 194 -12.74 -8.97 -10.08
C VAL A 194 -13.15 -9.80 -11.29
N THR A 195 -12.62 -11.01 -11.38
CA THR A 195 -13.03 -11.96 -12.43
C THR A 195 -13.97 -13.01 -11.83
N VAL A 196 -15.06 -13.27 -12.55
CA VAL A 196 -16.16 -14.13 -12.08
C VAL A 196 -16.64 -15.06 -13.21
N PRO A 197 -17.35 -16.18 -12.85
CA PRO A 197 -17.94 -16.98 -13.94
C PRO A 197 -19.09 -16.24 -14.62
N SER A 198 -19.15 -16.33 -15.95
CA SER A 198 -20.22 -15.67 -16.71
C SER A 198 -21.57 -16.36 -16.59
N SER A 199 -21.53 -17.68 -16.31
CA SER A 199 -22.74 -18.52 -16.23
C SER A 199 -23.71 -18.11 -15.12
N SER A 200 -23.17 -17.58 -14.02
CA SER A 200 -23.96 -17.20 -12.85
C SER A 200 -24.18 -15.68 -12.70
N LEU A 201 -23.92 -14.92 -13.78
CA LEU A 201 -24.12 -13.46 -13.79
C LEU A 201 -25.60 -13.07 -13.65
N GLY A 202 -26.48 -13.85 -14.27
CA GLY A 202 -27.92 -13.64 -14.17
C GLY A 202 -28.50 -14.22 -12.89
N LYS A 204 -25.98 -14.43 -9.32
CA LYS A 204 -25.07 -13.94 -8.29
C LYS A 204 -24.89 -12.43 -8.37
N THR A 205 -24.94 -11.77 -7.21
CA THR A 205 -24.79 -10.32 -7.11
C THR A 205 -23.35 -9.96 -6.74
N TYR A 206 -22.81 -8.92 -7.38
CA TYR A 206 -21.47 -8.42 -7.07
C TYR A 206 -21.49 -6.95 -6.71
N THR A 207 -21.09 -6.68 -5.47
CA THR A 207 -21.14 -5.33 -4.90
C THR A 207 -19.75 -4.90 -4.46
N CYS A 208 -19.31 -3.74 -4.94
CA CYS A 208 -18.09 -3.15 -4.42
C CYS A 208 -18.44 -2.21 -3.28
N ASN A 209 -17.63 -2.27 -2.23
CA ASN A 209 -17.81 -1.45 -1.04
C ASN A 209 -16.63 -0.48 -0.97
N VAL A 210 -16.93 0.80 -1.17
CA VAL A 210 -15.91 1.84 -1.31
C VAL A 210 -15.96 2.78 -0.11
N ASP A 211 -14.90 2.77 0.69
CA ASP A 211 -14.82 3.60 1.88
C ASP A 211 -13.85 4.75 1.69
N HIS A 212 -14.33 5.97 1.95
CA HIS A 212 -13.52 7.17 1.89
C HIS A 212 -13.68 7.92 3.20
N LYS A 213 -12.83 7.57 4.17
CA LYS A 213 -12.86 8.14 5.53
C LYS A 213 -12.81 9.69 5.60
N PRO A 214 -11.94 10.36 4.80
CA PRO A 214 -11.89 11.83 4.92
C PRO A 214 -13.21 12.57 4.63
N SER A 215 -14.06 12.00 3.76
CA SER A 215 -15.37 12.59 3.47
C SER A 215 -16.51 11.92 4.24
N ASN A 216 -16.16 11.00 5.14
CA ASN A 216 -17.13 10.23 5.94
C ASN A 216 -18.16 9.51 5.07
N THR A 217 -17.69 8.98 3.94
CA THR A 217 -18.56 8.40 2.90
C THR A 217 -18.21 6.95 2.64
N LYS A 218 -19.24 6.11 2.62
CA LYS A 218 -19.13 4.72 2.17
C LYS A 218 -20.15 4.50 1.05
N VAL A 219 -19.68 4.02 -0.10
CA VAL A 219 -20.54 3.74 -1.25
C VAL A 219 -20.53 2.24 -1.55
N ASP A 220 -21.72 1.64 -1.59
CA ASP A 220 -21.90 0.28 -2.08
C ASP A 220 -22.53 0.34 -3.46
N LYS A 221 -21.86 -0.28 -4.43
CA LYS A 221 -22.34 -0.28 -5.82
C LYS A 221 -22.52 -1.70 -6.32
N ARG A 222 -23.78 -2.04 -6.64
CA ARG A 222 -24.13 -3.32 -7.26
C ARG A 222 -23.83 -3.22 -8.74
N VAL A 223 -22.98 -4.13 -9.23
CA VAL A 223 -22.51 -4.09 -10.62
C VAL A 223 -23.28 -5.12 -11.47
N GLU A 224 -24.14 -4.62 -12.34
CA GLU A 224 -25.00 -5.45 -13.18
C GLU A 224 -24.39 -5.69 -14.57
N ASP B 1 22.36 11.84 14.14
CA ASP B 1 21.53 10.62 13.89
C ASP B 1 22.35 9.53 13.20
N ILE B 2 22.05 8.28 13.54
CA ILE B 2 22.68 7.12 12.89
C ILE B 2 22.05 6.93 11.51
N VAL B 3 22.88 6.84 10.49
CA VAL B 3 22.41 6.63 9.11
C VAL B 3 22.51 5.15 8.77
N MET B 4 21.44 4.62 8.19
CA MET B 4 21.38 3.22 7.73
C MET B 4 21.37 3.20 6.21
N THR B 5 22.29 2.45 5.62
CA THR B 5 22.36 2.32 4.17
C THR B 5 22.25 0.87 3.71
N GLN B 6 21.30 0.62 2.81
CA GLN B 6 21.04 -0.72 2.27
C GLN B 6 21.59 -0.93 0.87
N SER B 7 21.98 -2.16 0.58
CA SER B 7 22.48 -2.58 -0.73
C SER B 7 22.12 -4.04 -1.01
N PRO B 8 21.53 -4.36 -2.17
CA PRO B 8 21.13 -3.37 -3.19
C PRO B 8 19.75 -2.76 -2.87
N LEU B 9 19.31 -1.82 -3.71
CA LEU B 9 18.00 -1.17 -3.54
C LEU B 9 16.87 -1.91 -4.28
N SER B 10 17.25 -2.65 -5.31
CA SER B 10 16.34 -3.54 -6.04
C SER B 10 17.00 -4.91 -6.16
N LEU B 11 16.25 -5.97 -5.87
CA LEU B 11 16.78 -7.33 -5.90
C LEU B 11 15.84 -8.30 -6.64
N PRO B 12 16.09 -8.54 -7.94
CA PRO B 12 15.31 -9.55 -8.67
C PRO B 12 15.89 -10.96 -8.48
N VAL B 13 15.03 -11.89 -8.05
CA VAL B 13 15.44 -13.25 -7.71
C VAL B 13 14.49 -14.27 -8.35
N THR B 14 15.07 -15.34 -8.90
CA THR B 14 14.31 -16.52 -9.36
C THR B 14 13.87 -17.32 -8.13
N PRO B 15 12.58 -17.77 -8.09
CA PRO B 15 12.10 -18.63 -6.99
C PRO B 15 13.00 -19.83 -6.72
N GLY B 16 13.30 -20.06 -5.44
CA GLY B 16 14.19 -21.14 -5.03
C GLY B 16 15.63 -20.72 -4.80
N GLU B 17 16.03 -19.61 -5.43
CA GLU B 17 17.39 -19.08 -5.31
C GLU B 17 17.57 -18.24 -4.05
N PRO B 18 18.81 -18.13 -3.53
CA PRO B 18 19.03 -17.29 -2.35
C PRO B 18 18.99 -15.78 -2.63
N ALA B 19 18.69 -15.01 -1.59
CA ALA B 19 18.78 -13.55 -1.64
C ALA B 19 19.54 -13.03 -0.44
N SER B 20 20.31 -11.98 -0.65
CA SER B 20 21.12 -11.35 0.38
C SER B 20 20.95 -9.84 0.32
N ILE B 21 20.63 -9.24 1.46
CA ILE B 21 20.49 -7.79 1.58
C ILE B 21 21.44 -7.29 2.66
N SER B 22 22.27 -6.31 2.28
CA SER B 22 23.24 -5.69 3.19
CA SER B 22 23.23 -5.69 3.20
C SER B 22 22.66 -4.43 3.83
N CYS B 23 22.98 -4.23 5.11
CA CYS B 23 22.64 -3.01 5.83
C CYS B 23 23.85 -2.56 6.61
N ARG B 24 24.29 -1.33 6.36
CA ARG B 24 25.42 -0.74 7.05
C ARG B 24 25.00 0.48 7.85
N SER B 25 25.48 0.57 9.08
CA SER B 25 25.22 1.71 9.95
C SER B 25 26.43 2.63 10.02
N SER B 26 26.16 3.91 10.24
CA SER B 26 27.22 4.93 10.34
C SER B 26 27.97 4.87 11.68
N GLN B 27 27.34 4.24 12.67
CA GLN B 27 27.91 4.03 14.01
C GLN B 27 27.66 2.59 14.43
N SER B 28 28.51 2.05 15.30
CA SER B 28 28.32 0.69 15.82
C SER B 28 27.01 0.53 16.57
N LEU B 29 26.32 -0.56 16.30
CA LEU B 29 25.04 -0.87 16.94
C LEU B 29 25.20 -1.90 18.07
N LEU B 30 26.45 -2.27 18.33
CA LEU B 30 26.77 -3.22 19.40
C LEU B 30 26.78 -2.50 20.76
N TYR B 31 25.68 -2.65 21.49
CA TYR B 31 25.55 -2.09 22.83
C TYR B 31 26.41 -2.86 23.83
N SER B 32 26.32 -4.19 23.74
CA SER B 32 27.07 -5.13 24.58
C SER B 32 27.16 -6.45 23.82
N ILE B 33 27.93 -7.40 24.35
CA ILE B 33 28.10 -8.73 23.75
C ILE B 33 26.72 -9.37 23.49
N GLY B 34 26.47 -9.68 22.22
CA GLY B 34 25.22 -10.30 21.79
C GLY B 34 24.05 -9.34 21.53
N TYR B 35 24.26 -8.06 21.81
CA TYR B 35 23.20 -7.05 21.66
C TYR B 35 23.50 -6.01 20.58
N ASN B 36 23.42 -6.45 19.31
CA ASN B 36 23.42 -5.53 18.17
C ASN B 36 21.99 -5.06 17.96
N TYR B 37 21.74 -3.77 18.17
CA TYR B 37 20.39 -3.22 18.07
C TYR B 37 19.97 -2.93 16.63
N LEU B 38 19.83 -4.02 15.87
CA LEU B 38 19.50 -3.98 14.45
C LEU B 38 18.36 -4.94 14.15
N ASP B 39 17.32 -4.42 13.51
CA ASP B 39 16.14 -5.21 13.11
C ASP B 39 15.99 -5.25 11.60
N TRP B 40 15.28 -6.27 11.11
CA TRP B 40 14.81 -6.34 9.73
C TRP B 40 13.29 -6.45 9.68
N TYR B 41 12.69 -5.66 8.78
CA TYR B 41 11.25 -5.62 8.55
C TYR B 41 10.92 -5.88 7.08
N LEU B 42 9.79 -6.54 6.85
CA LEU B 42 9.20 -6.68 5.53
C LEU B 42 7.91 -5.88 5.49
N GLN B 43 7.74 -5.11 4.42
CA GLN B 43 6.45 -4.48 4.15
C GLN B 43 5.93 -4.97 2.80
N LYS B 44 4.92 -5.83 2.85
CA LYS B 44 4.21 -6.28 1.65
C LYS B 44 3.31 -5.15 1.16
N SER B 45 3.02 -5.16 -0.14
CA SER B 45 2.22 -4.12 -0.79
CA SER B 45 2.22 -4.12 -0.79
C SER B 45 0.85 -3.96 -0.12
N GLY B 46 0.53 -2.72 0.26
CA GLY B 46 -0.73 -2.39 0.92
C GLY B 46 -0.87 -2.86 2.36
N GLN B 47 0.22 -3.34 2.95
CA GLN B 47 0.24 -3.86 4.31
C GLN B 47 1.15 -3.03 5.23
N SER B 48 0.97 -3.23 6.53
CA SER B 48 1.86 -2.66 7.54
C SER B 48 3.20 -3.41 7.53
N PRO B 49 4.29 -2.75 7.98
CA PRO B 49 5.55 -3.48 8.18
C PRO B 49 5.38 -4.62 9.18
N GLN B 50 6.16 -5.68 8.99
CA GLN B 50 6.15 -6.83 9.89
C GLN B 50 7.59 -7.20 10.27
N LEU B 51 7.78 -7.58 11.53
CA LEU B 51 9.10 -7.93 12.03
C LEU B 51 9.58 -9.28 11.50
N LEU B 52 10.83 -9.30 11.04
CA LEU B 52 11.47 -10.54 10.61
C LEU B 52 12.57 -10.97 11.57
N ILE B 53 13.48 -10.04 11.84
CA ILE B 53 14.68 -10.29 12.63
C ILE B 53 14.84 -9.14 13.62
N TYR B 54 15.11 -9.46 14.88
CA TYR B 54 15.44 -8.45 15.87
C TYR B 54 16.75 -8.76 16.57
N LEU B 55 17.41 -7.71 17.06
CA LEU B 55 18.72 -7.80 17.73
C LEU B 55 19.75 -8.58 16.91
N GLY B 56 19.82 -8.23 15.62
CA GLY B 56 20.81 -8.75 14.70
C GLY B 56 20.49 -10.10 14.05
N SER B 57 20.10 -11.08 14.87
CA SER B 57 20.05 -12.47 14.40
C SER B 57 18.82 -13.29 14.83
N ASN B 58 17.93 -12.71 15.62
CA ASN B 58 16.81 -13.47 16.18
C ASN B 58 15.56 -13.42 15.31
N ARG B 59 15.08 -14.59 14.89
CA ARG B 59 13.82 -14.69 14.16
C ARG B 59 12.63 -14.35 15.07
N ALA B 60 11.74 -13.53 14.54
CA ALA B 60 10.51 -13.16 15.23
C ALA B 60 9.46 -14.26 15.10
N SER B 61 8.35 -14.10 15.84
CA SER B 61 7.23 -15.05 15.82
CA SER B 61 7.24 -15.05 15.81
C SER B 61 6.69 -15.25 14.41
N GLY B 62 6.50 -16.52 14.02
CA GLY B 62 5.92 -16.89 12.73
C GLY B 62 6.80 -16.77 11.50
N VAL B 63 8.04 -16.30 11.69
CA VAL B 63 8.98 -16.07 10.59
C VAL B 63 9.57 -17.41 10.14
N PRO B 64 9.45 -17.75 8.83
CA PRO B 64 9.98 -19.02 8.33
C PRO B 64 11.48 -19.16 8.51
N ASP B 65 11.94 -20.42 8.64
CA ASP B 65 13.35 -20.77 8.81
C ASP B 65 14.28 -20.26 7.71
N ARG B 66 13.70 -19.96 6.55
CA ARG B 66 14.44 -19.45 5.38
C ARG B 66 15.06 -18.08 5.59
N PHE B 67 14.53 -17.32 6.55
CA PHE B 67 15.05 -16.00 6.90
C PHE B 67 16.07 -16.11 8.02
N SER B 68 17.23 -15.50 7.82
CA SER B 68 18.24 -15.40 8.88
C SER B 68 18.96 -14.05 8.83
N GLY B 69 19.41 -13.61 9.99
CA GLY B 69 20.19 -12.38 10.11
C GLY B 69 21.54 -12.65 10.72
N SER B 70 22.55 -11.93 10.25
CA SER B 70 23.90 -12.02 10.81
C SER B 70 24.60 -10.66 10.77
N GLY B 71 25.76 -10.60 11.42
CA GLY B 71 26.58 -9.39 11.44
C GLY B 71 26.76 -8.82 12.82
N SER B 72 27.63 -7.81 12.90
CA SER B 72 27.97 -7.14 14.14
C SER B 72 28.51 -5.74 13.86
N GLY B 73 28.34 -4.85 14.83
CA GLY B 73 28.89 -3.49 14.77
C GLY B 73 28.19 -2.62 13.75
N THR B 74 28.78 -2.52 12.56
CA THR B 74 28.27 -1.66 11.49
C THR B 74 27.79 -2.41 10.24
N ASP B 75 28.09 -3.71 10.16
CA ASP B 75 27.79 -4.49 8.95
C ASP B 75 26.85 -5.65 9.24
N PHE B 76 25.70 -5.63 8.58
CA PHE B 76 24.64 -6.61 8.81
C PHE B 76 24.07 -7.15 7.50
N THR B 77 23.59 -8.39 7.54
CA THR B 77 23.07 -9.08 6.36
C THR B 77 21.81 -9.86 6.70
N LEU B 78 20.77 -9.64 5.90
CA LEU B 78 19.60 -10.51 5.87
C LEU B 78 19.76 -11.50 4.73
N LYS B 79 19.59 -12.78 5.05
CA LYS B 79 19.64 -13.84 4.04
C LYS B 79 18.32 -14.58 3.96
N ILE B 80 17.83 -14.75 2.74
CA ILE B 80 16.71 -15.66 2.45
C ILE B 80 17.33 -16.83 1.69
N SER B 81 17.33 -18.01 2.31
CA SER B 81 18.01 -19.19 1.75
C SER B 81 17.42 -19.65 0.42
N ARG B 82 16.09 -19.66 0.35
CA ARG B 82 15.33 -19.99 -0.85
C ARG B 82 14.15 -19.04 -0.93
N VAL B 83 14.17 -18.16 -1.93
CA VAL B 83 13.13 -17.14 -2.10
C VAL B 83 11.84 -17.79 -2.63
N GLU B 84 10.73 -17.45 -1.99
CA GLU B 84 9.41 -17.89 -2.42
C GLU B 84 8.56 -16.69 -2.84
N ALA B 85 7.51 -16.96 -3.63
CA ALA B 85 6.63 -15.91 -4.19
C ALA B 85 6.06 -14.95 -3.14
N GLU B 86 5.69 -15.48 -1.98
CA GLU B 86 5.12 -14.66 -0.90
C GLU B 86 6.11 -13.73 -0.20
N ASP B 87 7.40 -13.84 -0.53
CA ASP B 87 8.44 -12.96 0.03
C ASP B 87 8.49 -11.57 -0.62
N VAL B 88 7.75 -11.39 -1.72
CA VAL B 88 7.77 -10.14 -2.50
C VAL B 88 7.34 -8.93 -1.66
N GLY B 89 8.08 -7.84 -1.78
CA GLY B 89 7.82 -6.60 -1.05
C GLY B 89 9.09 -5.83 -0.76
N PHE B 90 8.97 -4.87 0.16
CA PHE B 90 10.10 -4.02 0.56
C PHE B 90 10.69 -4.46 1.89
N TYR B 91 12.01 -4.56 1.93
CA TYR B 91 12.75 -4.96 3.13
C TYR B 91 13.50 -3.76 3.69
N TYR B 92 13.31 -3.51 4.99
CA TYR B 92 13.95 -2.39 5.69
C TYR B 92 14.73 -2.90 6.88
N CYS B 93 15.97 -2.42 7.00
CA CYS B 93 16.67 -2.54 8.28
C CYS B 93 16.36 -1.32 9.14
N MET B 94 16.46 -1.48 10.45
CA MET B 94 16.23 -0.40 11.41
C MET B 94 17.14 -0.56 12.60
N GLN B 95 17.76 0.53 13.04
CA GLN B 95 18.45 0.53 14.31
C GLN B 95 17.55 1.03 15.44
N ALA B 96 17.64 0.36 16.57
CA ALA B 96 16.89 0.72 17.79
C ALA B 96 17.82 1.01 18.96
N LEU B 97 19.10 1.26 18.67
CA LEU B 97 20.10 1.59 19.68
C LEU B 97 19.83 2.92 20.35
N GLN B 98 19.55 3.93 19.53
CA GLN B 98 19.33 5.31 19.98
C GLN B 98 18.09 5.88 19.30
N THR B 99 17.44 6.83 19.96
CA THR B 99 16.45 7.67 19.31
C THR B 99 17.19 8.84 18.62
N PRO B 100 16.81 9.22 17.39
CA PRO B 100 15.71 8.60 16.64
C PRO B 100 16.05 7.22 16.09
N TYR B 101 15.08 6.31 16.13
CA TYR B 101 15.21 5.06 15.37
C TYR B 101 15.35 5.47 13.92
N THR B 102 16.22 4.81 13.19
CA THR B 102 16.44 5.14 11.78
C THR B 102 16.41 3.89 10.93
N PHE B 103 15.87 4.05 9.72
CA PHE B 103 15.65 2.97 8.78
C PHE B 103 16.57 3.10 7.57
N GLY B 104 16.91 1.97 6.97
CA GLY B 104 17.51 1.95 5.64
C GLY B 104 16.49 2.40 4.58
N GLN B 105 16.96 2.63 3.36
CA GLN B 105 16.13 3.18 2.28
C GLN B 105 15.05 2.21 1.80
N GLY B 106 15.27 0.91 2.03
CA GLY B 106 14.37 -0.13 1.55
C GLY B 106 14.91 -0.84 0.34
N THR B 107 14.77 -2.16 0.34
CA THR B 107 15.15 -3.01 -0.78
C THR B 107 13.91 -3.66 -1.36
N LYS B 108 13.67 -3.44 -2.65
CA LYS B 108 12.55 -4.04 -3.34
C LYS B 108 12.93 -5.43 -3.85
N LEU B 109 12.34 -6.46 -3.25
CA LEU B 109 12.54 -7.83 -3.70
C LEU B 109 11.54 -8.15 -4.80
N GLU B 110 12.05 -8.42 -5.99
CA GLU B 110 11.25 -8.77 -7.16
C GLU B 110 11.42 -10.25 -7.49
N ILE B 111 10.36 -10.86 -8.00
CA ILE B 111 10.34 -12.28 -8.32
C ILE B 111 10.44 -12.49 -9.84
N LYS B 112 11.49 -13.19 -10.26
CA LYS B 112 11.74 -13.49 -11.68
C LYS B 112 11.04 -14.78 -12.11
N ARG B 113 9.87 -14.63 -12.73
CA ARG B 113 9.09 -15.78 -13.19
C ARG B 113 9.03 -15.86 -14.74
N THR B 114 8.30 -16.85 -15.24
CA THR B 114 8.09 -17.03 -16.69
C THR B 114 7.15 -15.96 -17.26
N VAL B 115 7.28 -15.70 -18.56
CA VAL B 115 6.42 -14.77 -19.29
C VAL B 115 4.97 -15.27 -19.27
N ALA B 116 4.06 -14.38 -18.90
CA ALA B 116 2.62 -14.66 -18.93
C ALA B 116 1.88 -13.58 -19.70
N ALA B 117 1.05 -14.00 -20.65
CA ALA B 117 0.21 -13.09 -21.45
C ALA B 117 -0.96 -12.59 -20.61
N PRO B 118 -1.30 -11.28 -20.72
CA PRO B 118 -2.45 -10.76 -19.98
C PRO B 118 -3.79 -11.22 -20.53
N SER B 119 -4.76 -11.38 -19.64
CA SER B 119 -6.16 -11.45 -20.04
C SER B 119 -6.66 -10.02 -20.13
N VAL B 120 -7.14 -9.63 -21.31
CA VAL B 120 -7.49 -8.23 -21.59
C VAL B 120 -9.01 -8.04 -21.61
N PHE B 121 -9.48 -7.01 -20.91
CA PHE B 121 -10.89 -6.66 -20.84
C PHE B 121 -11.07 -5.18 -21.10
N ILE B 122 -12.14 -4.83 -21.81
CA ILE B 122 -12.49 -3.43 -22.07
C ILE B 122 -13.89 -3.14 -21.48
N PHE B 123 -14.02 -1.97 -20.87
CA PHE B 123 -15.30 -1.54 -20.29
C PHE B 123 -15.73 -0.19 -20.86
N PRO B 124 -16.99 -0.09 -21.37
CA PRO B 124 -17.54 1.19 -21.77
C PRO B 124 -17.82 2.09 -20.56
N PRO B 125 -17.99 3.41 -20.78
CA PRO B 125 -18.50 4.23 -19.66
C PRO B 125 -19.91 3.82 -19.29
N SER B 126 -20.25 3.94 -18.01
CA SER B 126 -21.61 3.68 -17.54
C SER B 126 -22.54 4.79 -18.00
N ASP B 127 -23.82 4.45 -18.18
CA ASP B 127 -24.85 5.44 -18.48
C ASP B 127 -24.94 6.51 -17.39
N GLU B 128 -24.73 6.10 -16.13
CA GLU B 128 -24.75 7.01 -14.99
C GLU B 128 -23.66 8.09 -15.07
N GLN B 129 -22.45 7.69 -15.45
CA GLN B 129 -21.35 8.65 -15.63
C GLN B 129 -21.63 9.62 -16.76
N LEU B 130 -22.18 9.13 -17.87
CA LEU B 130 -22.47 9.95 -19.04
C LEU B 130 -23.38 11.15 -18.74
N LYS B 131 -24.25 11.00 -17.73
CA LYS B 131 -25.10 12.10 -17.24
C LYS B 131 -24.32 13.28 -16.66
N SER B 132 -23.10 13.03 -16.19
CA SER B 132 -22.21 14.08 -15.67
C SER B 132 -21.42 14.83 -16.76
N GLY B 133 -21.49 14.32 -17.99
CA GLY B 133 -20.84 14.95 -19.15
C GLY B 133 -19.45 14.43 -19.48
N THR B 134 -19.02 13.39 -18.78
CA THR B 134 -17.70 12.78 -18.98
C THR B 134 -17.84 11.27 -19.22
N ALA B 135 -16.96 10.75 -20.08
CA ALA B 135 -16.89 9.32 -20.38
C ALA B 135 -15.51 8.76 -20.05
N SER B 136 -15.48 7.80 -19.13
CA SER B 136 -14.27 7.04 -18.83
C SER B 136 -14.37 5.66 -19.46
N VAL B 137 -13.41 5.33 -20.31
CA VAL B 137 -13.32 4.01 -20.94
C VAL B 137 -12.15 3.31 -20.27
N VAL B 138 -12.37 2.07 -19.82
CA VAL B 138 -11.36 1.37 -19.01
C VAL B 138 -10.89 0.09 -19.68
N CYS B 139 -9.56 -0.11 -19.67
CA CYS B 139 -8.95 -1.32 -20.15
C CYS B 139 -8.17 -2.00 -19.02
N LEU B 140 -8.43 -3.30 -18.86
CA LEU B 140 -7.78 -4.11 -17.83
C LEU B 140 -6.87 -5.15 -18.46
N LEU B 141 -5.64 -5.21 -17.94
CA LEU B 141 -4.66 -6.23 -18.30
C LEU B 141 -4.45 -7.08 -17.06
N ASN B 142 -4.94 -8.31 -17.10
CA ASN B 142 -4.99 -9.15 -15.92
C ASN B 142 -3.91 -10.21 -15.88
N ASN B 143 -3.14 -10.19 -14.78
CA ASN B 143 -2.16 -11.24 -14.44
C ASN B 143 -1.12 -11.56 -15.52
N PHE B 144 -0.23 -10.59 -15.75
CA PHE B 144 0.82 -10.72 -16.77
C PHE B 144 2.23 -10.58 -16.19
N TYR B 145 3.20 -11.06 -16.96
CA TYR B 145 4.63 -10.91 -16.65
C TYR B 145 5.42 -10.89 -17.97
N PRO B 146 6.44 -10.02 -18.12
CA PRO B 146 6.94 -9.06 -17.10
C PRO B 146 6.10 -7.79 -16.99
N ARG B 147 6.57 -6.82 -16.20
CA ARG B 147 5.86 -5.55 -15.98
C ARG B 147 5.68 -4.76 -17.27
N GLU B 148 6.66 -4.85 -18.18
CA GLU B 148 6.69 -4.08 -19.42
C GLU B 148 5.67 -4.57 -20.44
N ALA B 149 4.63 -3.77 -20.63
CA ALA B 149 3.59 -4.00 -21.63
C ALA B 149 3.04 -2.63 -22.01
N LYS B 150 2.59 -2.48 -23.25
CA LYS B 150 2.08 -1.19 -23.72
C LYS B 150 0.61 -1.23 -24.08
N VAL B 151 -0.13 -0.26 -23.57
CA VAL B 151 -1.53 -0.02 -23.93
C VAL B 151 -1.56 1.08 -24.99
N GLN B 152 -2.25 0.82 -26.10
CA GLN B 152 -2.55 1.82 -27.10
C GLN B 152 -4.07 1.91 -27.28
N TRP B 153 -4.62 3.06 -26.91
CA TRP B 153 -6.03 3.34 -27.15
C TRP B 153 -6.26 3.78 -28.59
N LYS B 154 -7.34 3.26 -29.17
CA LYS B 154 -7.76 3.64 -30.52
C LYS B 154 -9.24 3.97 -30.51
N VAL B 155 -9.59 5.09 -31.15
CA VAL B 155 -10.97 5.55 -31.28
C VAL B 155 -11.23 5.71 -32.78
N ASP B 156 -12.15 4.90 -33.30
CA ASP B 156 -12.38 4.76 -34.76
C ASP B 156 -11.06 4.60 -35.54
N ASN B 157 -10.19 3.74 -34.99
CA ASN B 157 -8.85 3.41 -35.54
C ASN B 157 -7.81 4.55 -35.47
N ALA B 158 -8.16 5.68 -34.86
CA ALA B 158 -7.22 6.78 -34.64
C ALA B 158 -6.49 6.61 -33.31
N LEU B 159 -5.16 6.70 -33.36
CA LEU B 159 -4.31 6.55 -32.18
C LEU B 159 -4.53 7.69 -31.19
N GLN B 160 -4.65 7.33 -29.92
CA GLN B 160 -4.88 8.28 -28.83
C GLN B 160 -3.62 8.47 -27.99
N SER B 161 -3.36 9.71 -27.61
CA SER B 161 -2.32 10.03 -26.62
C SER B 161 -2.68 11.30 -25.85
N GLY B 162 -2.32 11.32 -24.57
CA GLY B 162 -2.51 12.48 -23.70
C GLY B 162 -3.88 12.58 -23.06
N ASN B 163 -4.72 11.57 -23.29
CA ASN B 163 -6.06 11.50 -22.73
C ASN B 163 -6.32 10.20 -21.97
N SER B 164 -5.23 9.52 -21.60
CA SER B 164 -5.30 8.34 -20.75
C SER B 164 -4.29 8.40 -19.62
N GLN B 165 -4.60 7.68 -18.54
CA GLN B 165 -3.67 7.43 -17.45
C GLN B 165 -3.79 5.97 -17.06
N GLU B 166 -2.71 5.41 -16.53
CA GLU B 166 -2.68 4.01 -16.13
C GLU B 166 -1.95 3.83 -14.81
N SER B 167 -2.22 2.71 -14.16
CA SER B 167 -1.45 2.26 -13.01
C SER B 167 -1.33 0.74 -12.99
N VAL B 168 -0.32 0.26 -12.28
CA VAL B 168 0.05 -1.15 -12.25
C VAL B 168 0.11 -1.57 -10.79
N THR B 169 -0.45 -2.75 -10.49
CA THR B 169 -0.32 -3.35 -9.16
C THR B 169 1.11 -3.80 -8.91
N GLU B 170 1.47 -3.97 -7.65
CA GLU B 170 2.71 -4.64 -7.29
C GLU B 170 2.58 -6.14 -7.52
N GLN B 171 3.71 -6.84 -7.60
CA GLN B 171 3.72 -8.29 -7.84
C GLN B 171 2.84 -9.06 -6.88
N ASP B 172 2.00 -9.92 -7.45
CA ASP B 172 1.08 -10.77 -6.70
C ASP B 172 1.87 -11.77 -5.83
N SER B 173 1.42 -11.92 -4.58
CA SER B 173 2.10 -12.78 -3.60
CA SER B 173 2.10 -12.78 -3.61
C SER B 173 2.03 -14.27 -3.94
N LYS B 174 1.03 -14.65 -4.75
CA LYS B 174 0.83 -16.06 -5.13
C LYS B 174 1.46 -16.43 -6.48
N ASP B 175 1.12 -15.70 -7.54
CA ASP B 175 1.56 -16.06 -8.90
C ASP B 175 2.63 -15.14 -9.52
N SER B 176 3.07 -14.13 -8.76
CA SER B 176 4.16 -13.21 -9.14
C SER B 176 3.87 -12.37 -10.40
N THR B 177 2.60 -12.20 -10.73
CA THR B 177 2.20 -11.43 -11.90
C THR B 177 1.85 -9.98 -11.52
N TYR B 178 1.73 -9.15 -12.55
CA TYR B 178 1.24 -7.78 -12.43
C TYR B 178 -0.11 -7.68 -13.11
N SER B 179 -0.89 -6.68 -12.71
CA SER B 179 -2.08 -6.30 -13.43
C SER B 179 -2.06 -4.79 -13.68
N LEU B 180 -2.69 -4.36 -14.77
CA LEU B 180 -2.68 -2.96 -15.18
C LEU B 180 -4.09 -2.49 -15.52
N SER B 181 -4.40 -1.27 -15.10
CA SER B 181 -5.66 -0.61 -15.44
C SER B 181 -5.33 0.70 -16.13
N SER B 182 -5.96 0.93 -17.28
CA SER B 182 -5.84 2.18 -18.03
C SER B 182 -7.21 2.80 -18.23
N THR B 183 -7.29 4.11 -18.05
CA THR B 183 -8.53 4.86 -18.26
C THR B 183 -8.34 5.90 -19.34
N LEU B 184 -9.16 5.82 -20.39
CA LEU B 184 -9.27 6.85 -21.42
C LEU B 184 -10.42 7.78 -21.04
N THR B 185 -10.13 9.08 -20.95
CA THR B 185 -11.14 10.06 -20.54
C THR B 185 -11.49 11.02 -21.67
N LEU B 186 -12.78 11.04 -22.01
CA LEU B 186 -13.30 11.91 -23.06
C LEU B 186 -14.53 12.65 -22.53
N SER B 187 -14.84 13.79 -23.13
CA SER B 187 -16.13 14.44 -22.90
C SER B 187 -17.24 13.55 -23.47
N LYS B 188 -18.45 13.68 -22.93
CA LYS B 188 -19.62 12.96 -23.46
C LYS B 188 -19.79 13.24 -24.96
N ALA B 189 -19.65 14.51 -25.36
CA ALA B 189 -19.76 14.93 -26.75
C ALA B 189 -18.77 14.22 -27.68
N ASP B 190 -17.50 14.15 -27.26
CA ASP B 190 -16.47 13.43 -28.03
C ASP B 190 -16.74 11.93 -28.10
N TYR B 191 -17.15 11.36 -26.96
CA TYR B 191 -17.49 9.94 -26.88
C TYR B 191 -18.63 9.55 -27.84
N GLU B 192 -19.67 10.37 -27.89
CA GLU B 192 -20.85 10.08 -28.70
C GLU B 192 -20.68 10.42 -30.20
N LYS B 193 -19.55 11.05 -30.53
CA LYS B 193 -19.17 11.34 -31.91
C LYS B 193 -18.43 10.19 -32.61
N HIS B 194 -18.09 9.16 -31.85
CA HIS B 194 -17.31 8.02 -32.37
C HIS B 194 -17.92 6.67 -32.04
N LYS B 195 -17.55 5.65 -32.81
CA LYS B 195 -18.17 4.33 -32.73
C LYS B 195 -17.31 3.24 -32.08
N VAL B 196 -16.11 3.02 -32.61
CA VAL B 196 -15.28 1.87 -32.21
C VAL B 196 -14.22 2.29 -31.20
N TYR B 197 -14.28 1.67 -30.02
CA TYR B 197 -13.33 1.92 -28.94
C TYR B 197 -12.51 0.67 -28.72
N ALA B 198 -11.19 0.83 -28.81
CA ALA B 198 -10.29 -0.31 -28.84
C ALA B 198 -9.09 -0.06 -27.94
N CYS B 199 -8.74 -1.08 -27.16
CA CYS B 199 -7.54 -1.11 -26.36
CA CYS B 199 -7.49 -1.07 -26.41
C CYS B 199 -6.59 -2.18 -26.89
N GLU B 200 -5.43 -1.77 -27.40
CA GLU B 200 -4.42 -2.67 -27.94
C GLU B 200 -3.30 -2.85 -26.94
N VAL B 201 -3.04 -4.12 -26.60
CA VAL B 201 -2.04 -4.48 -25.60
C VAL B 201 -0.88 -5.20 -26.29
N THR B 202 0.30 -4.60 -26.24
CA THR B 202 1.50 -5.15 -26.90
C THR B 202 2.50 -5.69 -25.88
N GLN B 203 2.86 -6.96 -26.05
CA GLN B 203 3.85 -7.65 -25.25
C GLN B 203 4.67 -8.52 -26.22
N GLY B 204 5.89 -8.09 -26.51
CA GLY B 204 6.78 -8.80 -27.44
C GLY B 204 6.19 -9.04 -28.81
N THR B 205 6.09 -10.31 -29.20
CA THR B 205 5.59 -10.71 -30.53
C THR B 205 4.06 -10.73 -30.65
N THR B 206 3.37 -10.36 -29.58
CA THR B 206 1.91 -10.41 -29.54
C THR B 206 1.28 -9.05 -29.25
N SER B 207 0.30 -8.69 -30.07
CA SER B 207 -0.61 -7.60 -29.75
CA SER B 207 -0.62 -7.59 -29.78
C SER B 207 -2.04 -8.13 -29.71
N VAL B 208 -2.74 -7.82 -28.63
CA VAL B 208 -4.13 -8.24 -28.44
C VAL B 208 -4.98 -6.98 -28.30
N THR B 209 -5.97 -6.85 -29.17
CA THR B 209 -6.90 -5.72 -29.15
C THR B 209 -8.29 -6.18 -28.75
N LYS B 210 -8.81 -5.59 -27.67
CA LYS B 210 -10.21 -5.78 -27.27
C LYS B 210 -10.96 -4.50 -27.59
N SER B 211 -12.17 -4.66 -28.14
CA SER B 211 -12.96 -3.55 -28.64
CA SER B 211 -12.96 -3.55 -28.65
C SER B 211 -14.43 -3.65 -28.28
N PHE B 212 -15.12 -2.51 -28.37
CA PHE B 212 -16.59 -2.48 -28.33
C PHE B 212 -17.08 -1.38 -29.27
N ASN B 213 -18.32 -1.54 -29.72
CA ASN B 213 -19.03 -0.52 -30.48
C ASN B 213 -20.03 0.19 -29.55
N ARG B 214 -19.92 1.52 -29.48
CA ARG B 214 -20.77 2.35 -28.61
C ARG B 214 -22.27 2.08 -28.76
N GLY B 215 -22.73 1.96 -30.02
CA GLY B 215 -24.13 1.68 -30.35
C GLY B 215 -24.65 0.33 -29.89
N GLU B 216 -23.74 -0.66 -29.83
CA GLU B 216 -24.07 -2.00 -29.36
C GLU B 216 -23.90 -2.10 -27.84
C1 GOL C . -6.25 3.86 -14.16
O1 GOL C . -7.33 3.07 -14.71
C2 GOL C . -6.37 4.05 -12.65
O2 GOL C . -7.47 4.93 -12.36
C3 GOL C . -6.58 2.72 -11.93
O3 GOL C . -6.66 2.94 -10.52
C1 GOL D . 7.76 17.77 22.60
O1 GOL D . 8.62 18.55 21.77
C2 GOL D . 6.47 18.52 22.86
O2 GOL D . 5.81 18.77 21.61
C3 GOL D . 5.58 17.66 23.75
O3 GOL D . 4.44 18.42 24.16
C1 GOL E . 11.09 2.70 -0.74
O1 GOL E . 11.32 2.74 0.68
C2 GOL E . 9.91 3.61 -1.09
O2 GOL E . 10.41 4.87 -1.56
C3 GOL E . 9.07 2.96 -2.17
O3 GOL E . 7.70 2.91 -1.75
C1 GOL F . 8.29 -4.80 -26.88
O1 GOL F . 9.48 -5.58 -26.81
C2 GOL F . 7.63 -4.74 -25.50
O2 GOL F . 7.18 -6.05 -25.14
C3 GOL F . 6.45 -3.78 -25.56
O3 GOL F . 5.80 -3.76 -24.28
C1 GOL G . 7.73 -13.62 6.41
O1 GOL G . 7.36 -13.88 7.77
C2 GOL G . 6.67 -14.14 5.45
O2 GOL G . 5.39 -13.58 5.79
C3 GOL G . 7.04 -13.72 4.04
O3 GOL G . 7.04 -14.87 3.19
#